data_8EWQ
#
_entry.id   8EWQ
#
_cell.length_a   76.820
_cell.length_b   102.030
_cell.length_c   127.610
_cell.angle_alpha   90.00
_cell.angle_beta   90.00
_cell.angle_gamma   90.00
#
_symmetry.space_group_name_H-M   'I 2 2 2'
#
loop_
_entity.id
_entity.type
_entity.pdbx_description
1 polymer 'Cytochrome P450 3A4'
2 non-polymer 'PROTOPORPHYRIN IX CONTAINING FE'
3 non-polymer "{N-[1-{[([2,2'-bipyridin]-5-yl-kappa~2~N~1~,N~1'~)methyl]amino}-1-oxo-3-(pyridin-4-yl)propan-2-yl]benzamide}bis[2-(quinolin-2-yl-kappaN)phenyl-kappaC~1~]iridium(1+)"
4 water water
#
_entity_poly.entity_id   1
_entity_poly.type   'polypeptide(L)'
_entity_poly.pdbx_seq_one_letter_code
;MAYLYGTHSHGLFKKLGIPGPTPLPFLGNILSYHKGFCMFDMECHKKYGKVWGFYDGQQPVLAITDPDMIKTVLVKECYS
VFTNRRPFGPVGFMKSAISIAEDEEWKRLRSLLSPTFTSGKLKEMVPIIAQYGDVLVRNLRREAETGKPVTLKDVFGAYS
MDVITSTSFGVNIDSLNNPQDPFVENTKKLLRFDFLDPFFLSITVFPFLIPILEVLNICVFPREVTNFLRKSVKRMKESR
LEDTQKHRVDFLQLMIDSQNSKETESHKALSDLELVAQSIIFIFAGYETTSSVLSFIMYELATHPDVQQKLQEEIDAVLP
NKAPPTYDTVLQMEYLDMVVNETLRLFPIAMRLERVCKKDVEINGMFIPKGVVVMIPSYALHRDPKYWTEPEKFLPERFS
KKNKDNIDPYIYTPFGSGPRNCIGMRFALMNMKLALIRVLQNFSFKPCKETQIPLKLSLGGLLQPEKPVVLKVESRDGTV
SGAHHHH
;
_entity_poly.pdbx_strand_id   A
#
loop_
_chem_comp.id
_chem_comp.type
_chem_comp.name
_chem_comp.formula
HEM non-polymer 'PROTOPORPHYRIN IX CONTAINING FE' 'C34 H32 Fe N4 O4'
X2B non-polymer {N-[1-{[([2,2'-bipyridin]-5-yl-kappa~2~N~1~,N~1'~)methyl]amino}-1-oxo-3-(pyridin-4-yl)propan-2-yl]benzamide}bis[2-(quinolin-2-yl-kappaN)phenyl-kappaC~1~]iridium(1+) 'C56 H43 Ir N7 O2 1'
#
# COMPACT_ATOMS: atom_id res chain seq x y z
N GLY A 6 9.12 -14.24 -30.11
CA GLY A 6 7.69 -14.48 -30.10
C GLY A 6 7.26 -15.37 -28.96
N THR A 7 7.27 -16.68 -29.20
CA THR A 7 7.04 -17.68 -28.16
C THR A 7 8.35 -18.24 -27.63
N HIS A 8 9.32 -17.37 -27.36
CA HIS A 8 10.67 -17.80 -26.99
C HIS A 8 10.65 -18.65 -25.73
N SER A 9 10.15 -18.09 -24.62
CA SER A 9 10.06 -18.82 -23.36
C SER A 9 8.62 -19.20 -23.02
N HIS A 10 7.69 -19.10 -23.98
CA HIS A 10 6.30 -19.41 -23.72
C HIS A 10 6.05 -20.91 -23.53
N GLY A 11 7.03 -21.76 -23.81
CA GLY A 11 6.87 -23.18 -23.60
C GLY A 11 7.51 -23.66 -22.32
N LEU A 12 7.78 -22.74 -21.40
CA LEU A 12 8.44 -23.09 -20.15
C LEU A 12 7.51 -23.89 -19.25
N PHE A 13 6.30 -23.37 -19.00
CA PHE A 13 5.38 -24.05 -18.10
C PHE A 13 4.89 -25.36 -18.68
N LYS A 14 4.89 -25.49 -20.02
CA LYS A 14 4.54 -26.77 -20.63
C LYS A 14 5.64 -27.81 -20.43
N LYS A 15 6.91 -27.36 -20.42
CA LYS A 15 8.02 -28.28 -20.17
C LYS A 15 8.06 -28.76 -18.72
N LEU A 16 7.50 -28.00 -17.79
CA LEU A 16 7.49 -28.37 -16.38
C LEU A 16 6.16 -28.97 -15.94
N GLY A 17 5.20 -29.12 -16.85
CA GLY A 17 3.92 -29.69 -16.49
C GLY A 17 3.05 -28.81 -15.61
N ILE A 18 3.25 -27.50 -15.65
CA ILE A 18 2.48 -26.56 -14.85
C ILE A 18 1.33 -26.03 -15.71
N PRO A 19 0.10 -26.07 -15.23
CA PRO A 19 -1.03 -25.58 -16.03
C PRO A 19 -1.06 -24.06 -16.08
N GLY A 20 -1.93 -23.56 -16.95
CA GLY A 20 -2.10 -22.13 -17.11
C GLY A 20 -2.74 -21.77 -18.44
N PRO A 21 -3.16 -20.52 -18.59
CA PRO A 21 -3.77 -20.08 -19.84
C PRO A 21 -2.75 -20.06 -20.98
N THR A 22 -3.20 -20.47 -22.15
CA THR A 22 -2.33 -20.53 -23.31
C THR A 22 -1.88 -19.13 -23.71
N PRO A 23 -0.58 -18.86 -23.78
CA PRO A 23 -0.12 -17.52 -24.12
C PRO A 23 -0.09 -17.28 -25.62
N LEU A 24 -0.34 -16.03 -26.00
CA LEU A 24 -0.21 -15.59 -27.38
C LEU A 24 1.21 -15.12 -27.65
N PRO A 25 1.68 -15.20 -28.90
CA PRO A 25 3.03 -14.72 -29.22
C PRO A 25 3.22 -13.24 -28.91
N PHE A 26 4.34 -12.94 -28.26
CA PHE A 26 4.72 -11.58 -27.87
C PHE A 26 3.84 -11.07 -26.73
N LEU A 27 2.52 -11.08 -26.93
CA LEU A 27 1.61 -10.56 -25.91
C LEU A 27 1.58 -11.44 -24.67
N GLY A 28 1.54 -12.75 -24.86
CA GLY A 28 1.42 -13.66 -23.72
C GLY A 28 0.00 -13.77 -23.22
N ASN A 29 -0.22 -13.38 -21.97
CA ASN A 29 -1.55 -13.39 -21.36
C ASN A 29 -2.00 -12.00 -20.95
N ILE A 30 -1.40 -10.95 -21.51
CA ILE A 30 -1.74 -9.59 -21.10
C ILE A 30 -3.15 -9.21 -21.52
N LEU A 31 -3.67 -9.82 -22.60
CA LEU A 31 -5.03 -9.55 -23.01
C LEU A 31 -6.05 -10.04 -22.01
N SER A 32 -5.68 -11.00 -21.15
CA SER A 32 -6.57 -11.47 -20.10
C SER A 32 -6.68 -10.48 -18.95
N TYR A 33 -5.95 -9.37 -18.99
CA TYR A 33 -6.05 -8.33 -17.98
C TYR A 33 -7.20 -7.36 -18.25
N HIS A 34 -8.04 -7.63 -19.25
CA HIS A 34 -9.14 -6.72 -19.55
C HIS A 34 -10.14 -6.67 -18.42
N LYS A 35 -10.28 -7.75 -17.66
CA LYS A 35 -11.17 -7.79 -16.50
C LYS A 35 -10.48 -7.33 -15.22
N GLY A 36 -9.17 -7.15 -15.24
CA GLY A 36 -8.44 -6.67 -14.08
C GLY A 36 -7.42 -7.66 -13.57
N PHE A 37 -6.44 -7.17 -12.81
CA PHE A 37 -5.47 -8.05 -12.17
C PHE A 37 -6.15 -9.04 -11.23
N CYS A 38 -7.17 -8.58 -10.50
CA CYS A 38 -7.80 -9.39 -9.48
C CYS A 38 -8.70 -10.47 -10.07
N MET A 39 -9.54 -10.10 -11.04
CA MET A 39 -10.42 -11.07 -11.67
C MET A 39 -9.64 -12.15 -12.40
N PHE A 40 -8.51 -11.77 -13.01
CA PHE A 40 -7.67 -12.75 -13.68
C PHE A 40 -7.05 -13.73 -12.71
N ASP A 41 -6.74 -13.28 -11.49
CA ASP A 41 -6.15 -14.18 -10.50
C ASP A 41 -7.19 -15.14 -9.92
N MET A 42 -8.42 -14.65 -9.71
CA MET A 42 -9.47 -15.51 -9.15
C MET A 42 -9.92 -16.55 -10.16
N GLU A 43 -9.98 -16.18 -11.45
CA GLU A 43 -10.36 -17.15 -12.47
C GLU A 43 -9.30 -18.23 -12.63
N CYS A 44 -8.02 -17.83 -12.64
CA CYS A 44 -6.94 -18.81 -12.73
C CYS A 44 -6.86 -19.68 -11.48
N HIS A 45 -7.17 -19.11 -10.31
CA HIS A 45 -7.18 -19.91 -9.09
C HIS A 45 -8.32 -20.92 -9.11
N LYS A 46 -9.48 -20.53 -9.66
CA LYS A 46 -10.62 -21.42 -9.70
C LYS A 46 -10.48 -22.49 -10.78
N LYS A 47 -9.75 -22.21 -11.84
CA LYS A 47 -9.64 -23.10 -13.00
C LYS A 47 -8.36 -23.93 -13.03
N TYR A 48 -7.43 -23.69 -12.10
CA TYR A 48 -6.17 -24.43 -12.11
C TYR A 48 -5.77 -24.99 -10.76
N GLY A 49 -6.42 -24.61 -9.68
CA GLY A 49 -6.15 -25.19 -8.37
C GLY A 49 -5.18 -24.34 -7.56
N LYS A 50 -4.12 -24.97 -7.06
CA LYS A 50 -3.19 -24.31 -6.14
C LYS A 50 -2.07 -23.58 -6.86
N VAL A 51 -1.63 -24.06 -8.01
CA VAL A 51 -0.47 -23.49 -8.72
C VAL A 51 -0.78 -23.43 -10.20
N TRP A 52 -0.47 -22.28 -10.81
CA TRP A 52 -0.61 -22.10 -12.25
C TRP A 52 0.46 -21.12 -12.73
N GLY A 53 0.55 -20.97 -14.04
CA GLY A 53 1.54 -20.09 -14.63
C GLY A 53 0.97 -19.33 -15.81
N PHE A 54 1.52 -18.15 -16.05
CA PHE A 54 1.14 -17.31 -17.18
C PHE A 54 2.33 -16.43 -17.54
N TYR A 55 2.16 -15.63 -18.60
CA TYR A 55 3.25 -14.84 -19.15
C TYR A 55 2.82 -13.39 -19.29
N ASP A 56 3.53 -12.50 -18.59
CA ASP A 56 3.42 -11.07 -18.82
C ASP A 56 4.38 -10.72 -19.96
N GLY A 57 3.90 -10.92 -21.19
CA GLY A 57 4.75 -10.81 -22.36
C GLY A 57 5.63 -12.03 -22.49
N GLN A 58 6.96 -11.82 -22.43
CA GLN A 58 7.91 -12.91 -22.43
C GLN A 58 8.31 -13.34 -21.02
N GLN A 59 7.83 -12.63 -19.99
CA GLN A 59 8.22 -12.91 -18.62
C GLN A 59 7.32 -13.98 -18.03
N PRO A 60 7.83 -15.17 -17.69
CA PRO A 60 6.98 -16.18 -17.06
C PRO A 60 6.71 -15.84 -15.60
N VAL A 61 5.46 -15.99 -15.20
CA VAL A 61 5.02 -15.71 -13.84
C VAL A 61 4.35 -16.97 -13.29
N LEU A 62 4.80 -17.42 -12.11
CA LEU A 62 4.27 -18.59 -11.45
C LEU A 62 3.55 -18.17 -10.18
N ALA A 63 2.26 -18.47 -10.11
CA ALA A 63 1.45 -18.14 -8.94
C ALA A 63 1.30 -19.37 -8.04
N ILE A 64 1.48 -19.16 -6.75
CA ILE A 64 1.36 -20.22 -5.75
C ILE A 64 0.36 -19.79 -4.70
N THR A 65 -0.43 -20.75 -4.19
CA THR A 65 -1.42 -20.47 -3.16
C THR A 65 -1.27 -21.36 -1.92
N ASP A 66 -0.32 -22.29 -1.92
CA ASP A 66 -0.14 -23.17 -0.77
C ASP A 66 0.52 -22.40 0.37
N PRO A 67 0.02 -22.56 1.60
CA PRO A 67 0.59 -21.78 2.72
C PRO A 67 2.06 -22.07 2.98
N ASP A 68 2.48 -23.32 2.86
CA ASP A 68 3.85 -23.68 3.15
C ASP A 68 4.81 -23.14 2.08
N MET A 69 4.38 -23.11 0.83
CA MET A 69 5.22 -22.55 -0.23
C MET A 69 5.33 -21.04 -0.09
N ILE A 70 4.23 -20.38 0.28
CA ILE A 70 4.27 -18.93 0.49
C ILE A 70 5.22 -18.58 1.63
N LYS A 71 5.23 -19.40 2.68
CA LYS A 71 6.15 -19.19 3.78
C LYS A 71 7.59 -19.46 3.35
N THR A 72 7.80 -20.45 2.48
CA THR A 72 9.14 -20.76 2.02
C THR A 72 9.68 -19.64 1.13
N VAL A 73 8.83 -19.06 0.29
CA VAL A 73 9.27 -18.02 -0.63
C VAL A 73 9.49 -16.70 0.10
N LEU A 74 8.58 -16.34 1.01
CA LEU A 74 8.65 -15.02 1.63
C LEU A 74 9.58 -14.98 2.83
N VAL A 75 9.75 -16.11 3.52
CA VAL A 75 10.48 -16.12 4.79
C VAL A 75 11.71 -17.02 4.70
N LYS A 76 11.50 -18.30 4.41
CA LYS A 76 12.58 -19.28 4.55
C LYS A 76 13.69 -19.05 3.55
N GLU A 77 13.34 -18.76 2.29
CA GLU A 77 14.32 -18.59 1.21
C GLU A 77 14.30 -17.16 0.69
N CYS A 78 14.18 -16.18 1.59
CA CYS A 78 14.18 -14.79 1.17
C CYS A 78 15.57 -14.34 0.76
N TYR A 79 16.54 -14.45 1.66
CA TYR A 79 17.90 -14.00 1.36
C TYR A 79 18.57 -14.87 0.31
N SER A 80 18.17 -16.14 0.20
CA SER A 80 18.88 -17.10 -0.64
C SER A 80 18.35 -17.14 -2.07
N VAL A 81 17.03 -17.14 -2.26
CA VAL A 81 16.41 -17.35 -3.56
C VAL A 81 15.49 -16.21 -3.95
N PHE A 82 14.54 -15.87 -3.09
CA PHE A 82 13.50 -14.90 -3.41
C PHE A 82 13.75 -13.62 -2.61
N THR A 83 14.68 -12.81 -3.10
CA THR A 83 15.11 -11.59 -2.43
C THR A 83 14.53 -10.33 -3.06
N ASN A 84 14.57 -10.23 -4.37
CA ASN A 84 14.20 -9.01 -5.08
C ASN A 84 12.84 -9.14 -5.73
N ARG A 85 12.29 -7.99 -6.12
CA ARG A 85 11.02 -7.93 -6.82
C ARG A 85 11.25 -7.74 -8.32
N ARG A 86 10.18 -7.75 -9.09
CA ARG A 86 10.30 -7.68 -10.53
C ARG A 86 10.74 -6.28 -10.96
N PRO A 87 11.75 -6.17 -11.81
CA PRO A 87 12.12 -4.87 -12.38
C PRO A 87 11.48 -4.65 -13.74
N PHE A 88 11.48 -3.46 -14.37
CA PHE A 88 11.59 -2.08 -13.83
C PHE A 88 11.37 -1.22 -15.07
N GLY A 89 10.39 -0.34 -15.00
CA GLY A 89 10.29 0.76 -15.92
C GLY A 89 11.37 1.76 -15.57
N PRO A 90 11.58 2.74 -16.45
CA PRO A 90 12.70 3.67 -16.32
C PRO A 90 12.88 4.18 -14.89
N VAL A 91 14.09 4.02 -14.35
CA VAL A 91 14.29 4.13 -12.91
C VAL A 91 14.81 5.50 -12.50
N GLY A 92 15.76 6.05 -13.26
CA GLY A 92 16.44 7.25 -12.80
C GLY A 92 17.26 6.95 -11.56
N PHE A 93 17.35 7.95 -10.68
CA PHE A 93 18.08 7.82 -9.42
C PHE A 93 17.32 7.03 -8.37
N MET A 94 16.11 6.58 -8.67
CA MET A 94 15.31 5.80 -7.72
C MET A 94 15.77 4.36 -7.60
N LYS A 95 16.93 4.04 -8.16
CA LYS A 95 17.53 2.72 -7.92
C LYS A 95 17.93 2.55 -6.47
N SER A 96 18.18 3.65 -5.76
CA SER A 96 18.52 3.62 -4.34
C SER A 96 17.29 3.59 -3.44
N ALA A 97 16.12 3.34 -4.00
CA ALA A 97 14.91 3.21 -3.20
C ALA A 97 14.86 1.85 -2.52
N ILE A 98 14.41 1.83 -1.27
CA ILE A 98 14.43 0.59 -0.50
C ILE A 98 13.52 -0.45 -1.14
N SER A 99 12.37 -0.03 -1.65
CA SER A 99 11.43 -0.95 -2.28
C SER A 99 11.84 -1.33 -3.71
N ILE A 100 12.92 -0.76 -4.23
CA ILE A 100 13.35 -1.03 -5.59
C ILE A 100 14.75 -1.63 -5.57
N ALA A 101 15.52 -1.32 -4.51
CA ALA A 101 16.87 -1.85 -4.39
C ALA A 101 16.86 -3.37 -4.34
N GLU A 102 17.99 -3.97 -4.68
CA GLU A 102 18.11 -5.41 -4.82
C GLU A 102 19.31 -5.94 -4.04
N ASP A 103 19.15 -7.15 -3.52
CA ASP A 103 20.24 -7.96 -2.96
C ASP A 103 20.86 -7.19 -1.78
N GLU A 104 22.18 -7.00 -1.74
CA GLU A 104 22.83 -6.44 -0.56
C GLU A 104 22.54 -4.96 -0.40
N GLU A 105 22.26 -4.25 -1.50
CA GLU A 105 21.94 -2.83 -1.39
C GLU A 105 20.60 -2.64 -0.69
N TRP A 106 19.63 -3.53 -0.96
CA TRP A 106 18.36 -3.47 -0.24
C TRP A 106 18.55 -3.81 1.24
N LYS A 107 19.34 -4.84 1.53
CA LYS A 107 19.58 -5.22 2.93
C LYS A 107 20.25 -4.10 3.69
N ARG A 108 21.12 -3.33 3.03
CA ARG A 108 21.73 -2.16 3.66
C ARG A 108 20.68 -1.10 3.97
N LEU A 109 19.84 -0.78 2.99
CA LEU A 109 18.80 0.23 3.21
C LEU A 109 17.74 -0.26 4.19
N ARG A 110 17.44 -1.56 4.19
CA ARG A 110 16.44 -2.09 5.11
C ARG A 110 16.93 -1.96 6.56
N SER A 111 18.19 -2.31 6.81
CA SER A 111 18.73 -2.22 8.16
C SER A 111 18.95 -0.78 8.59
N LEU A 112 19.16 0.13 7.63
CA LEU A 112 19.35 1.54 7.96
C LEU A 112 18.02 2.24 8.24
N LEU A 113 16.93 1.77 7.65
CA LEU A 113 15.62 2.39 7.83
C LEU A 113 14.73 1.62 8.81
N SER A 114 15.14 0.43 9.24
CA SER A 114 14.33 -0.33 10.19
C SER A 114 14.19 0.35 11.54
N PRO A 115 15.24 0.89 12.17
CA PRO A 115 15.05 1.59 13.45
C PRO A 115 14.15 2.81 13.34
N THR A 116 13.93 3.34 12.14
CA THR A 116 13.07 4.50 11.98
C THR A 116 11.60 4.15 12.20
N PHE A 117 11.19 2.94 11.82
CA PHE A 117 9.79 2.53 11.89
C PHE A 117 9.47 1.74 13.16
N THR A 118 10.26 1.91 14.22
CA THR A 118 9.97 1.22 15.47
C THR A 118 8.76 1.84 16.15
N SER A 119 8.21 1.11 17.13
CA SER A 119 7.06 1.61 17.87
C SER A 119 7.43 2.81 18.72
N GLY A 120 8.69 2.90 19.18
CA GLY A 120 9.10 4.05 19.95
C GLY A 120 9.14 5.32 19.12
N LYS A 121 9.60 5.22 17.86
CA LYS A 121 9.59 6.38 16.97
C LYS A 121 8.20 6.66 16.44
N LEU A 122 7.35 5.63 16.31
CA LEU A 122 5.96 5.86 15.92
C LEU A 122 5.19 6.53 17.04
N LYS A 123 5.48 6.18 18.29
CA LYS A 123 4.79 6.79 19.42
C LYS A 123 5.09 8.27 19.53
N GLU A 124 6.28 8.69 19.12
CA GLU A 124 6.64 10.11 19.13
C GLU A 124 6.04 10.88 17.96
N MET A 125 5.43 10.20 16.99
CA MET A 125 4.81 10.85 15.85
C MET A 125 3.30 11.01 15.98
N VAL A 126 2.67 10.34 16.94
CA VAL A 126 1.22 10.39 17.08
C VAL A 126 0.71 11.74 17.57
N PRO A 127 1.49 12.58 18.28
CA PRO A 127 0.97 13.94 18.54
C PRO A 127 0.88 14.80 17.29
N ILE A 128 1.81 14.62 16.35
CA ILE A 128 1.78 15.42 15.12
C ILE A 128 0.71 14.89 14.17
N ILE A 129 0.56 13.57 14.09
CA ILE A 129 -0.47 12.98 13.23
C ILE A 129 -1.85 13.34 13.74
N ALA A 130 -2.03 13.39 15.06
CA ALA A 130 -3.34 13.71 15.62
C ALA A 130 -3.73 15.16 15.38
N GLN A 131 -2.76 16.04 15.16
CA GLN A 131 -3.08 17.44 14.90
C GLN A 131 -3.90 17.60 13.63
N TYR A 132 -3.58 16.83 12.60
CA TYR A 132 -4.31 16.92 11.33
C TYR A 132 -5.58 16.09 11.33
N GLY A 133 -5.78 15.22 12.33
CA GLY A 133 -7.10 14.65 12.52
C GLY A 133 -8.11 15.70 12.93
N ASP A 134 -7.68 16.67 13.74
CA ASP A 134 -8.52 17.82 14.04
C ASP A 134 -8.72 18.69 12.80
N VAL A 135 -7.68 18.83 11.97
CA VAL A 135 -7.83 19.54 10.71
C VAL A 135 -8.75 18.79 9.77
N LEU A 136 -8.74 17.45 9.85
CA LEU A 136 -9.61 16.65 8.99
C LEU A 136 -11.08 16.89 9.31
N VAL A 137 -11.44 16.84 10.60
CA VAL A 137 -12.83 17.08 10.99
C VAL A 137 -13.21 18.54 10.80
N ARG A 138 -12.23 19.45 10.78
CA ARG A 138 -12.54 20.86 10.55
C ARG A 138 -12.96 21.11 9.11
N ASN A 139 -12.28 20.46 8.16
CA ASN A 139 -12.70 20.51 6.76
C ASN A 139 -13.89 19.61 6.47
N LEU A 140 -14.13 18.60 7.31
CA LEU A 140 -15.33 17.80 7.16
C LEU A 140 -16.55 18.47 7.77
N ARG A 141 -16.36 19.26 8.83
CA ARG A 141 -17.48 20.01 9.40
C ARG A 141 -18.06 21.00 8.40
N ARG A 142 -17.22 21.56 7.53
CA ARG A 142 -17.70 22.49 6.51
C ARG A 142 -18.43 21.74 5.40
N GLU A 143 -17.81 20.69 4.87
CA GLU A 143 -18.42 19.92 3.79
C GLU A 143 -19.64 19.11 4.25
N ALA A 144 -19.85 18.97 5.56
CA ALA A 144 -21.05 18.31 6.06
C ALA A 144 -22.20 19.28 6.27
N GLU A 145 -21.90 20.50 6.72
CA GLU A 145 -22.93 21.51 6.91
C GLU A 145 -23.49 22.03 5.59
N THR A 146 -22.85 21.71 4.46
CA THR A 146 -23.42 22.08 3.17
C THR A 146 -24.65 21.23 2.83
N GLY A 147 -24.83 20.09 3.48
CA GLY A 147 -26.01 19.28 3.32
C GLY A 147 -26.11 18.60 1.96
N LYS A 148 -25.04 17.94 1.54
CA LYS A 148 -25.01 17.25 0.26
C LYS A 148 -23.85 16.26 0.27
N PRO A 149 -23.87 15.24 -0.59
CA PRO A 149 -22.85 14.18 -0.52
C PRO A 149 -21.43 14.73 -0.63
N VAL A 150 -20.49 13.96 -0.07
CA VAL A 150 -19.09 14.36 0.01
C VAL A 150 -18.24 13.26 -0.61
N THR A 151 -17.30 13.64 -1.47
CA THR A 151 -16.35 12.71 -2.05
C THR A 151 -15.25 12.44 -1.03
N LEU A 152 -15.20 11.21 -0.51
CA LEU A 152 -14.23 10.87 0.52
C LEU A 152 -12.79 10.86 -0.01
N LYS A 153 -12.61 10.75 -1.33
CA LYS A 153 -11.27 10.73 -1.88
C LYS A 153 -10.55 12.06 -1.68
N ASP A 154 -11.29 13.17 -1.67
CA ASP A 154 -10.66 14.48 -1.58
C ASP A 154 -10.33 14.87 -0.15
N VAL A 155 -11.19 14.52 0.80
CA VAL A 155 -10.91 14.88 2.19
C VAL A 155 -9.91 13.93 2.82
N PHE A 156 -9.88 12.67 2.37
CA PHE A 156 -8.86 11.74 2.86
C PHE A 156 -7.52 11.98 2.18
N GLY A 157 -7.54 12.30 0.89
CA GLY A 157 -6.31 12.64 0.20
C GLY A 157 -5.66 13.89 0.76
N ALA A 158 -6.47 14.88 1.12
CA ALA A 158 -5.94 16.08 1.76
C ALA A 158 -5.39 15.76 3.15
N TYR A 159 -6.08 14.89 3.89
CA TYR A 159 -5.57 14.48 5.20
C TYR A 159 -4.31 13.65 5.07
N SER A 160 -4.31 12.69 4.14
CA SER A 160 -3.17 11.79 3.98
C SER A 160 -1.91 12.57 3.60
N MET A 161 -2.06 13.64 2.81
CA MET A 161 -0.90 14.45 2.45
C MET A 161 -0.44 15.29 3.64
N ASP A 162 -1.38 15.85 4.41
CA ASP A 162 -1.02 16.62 5.59
C ASP A 162 -0.21 15.79 6.58
N VAL A 163 -0.49 14.48 6.65
CA VAL A 163 0.28 13.61 7.53
C VAL A 163 1.65 13.32 6.93
N ILE A 164 1.71 13.03 5.63
CA ILE A 164 2.97 12.62 5.02
C ILE A 164 3.93 13.80 4.86
N THR A 165 3.42 15.03 4.80
CA THR A 165 4.31 16.18 4.70
C THR A 165 4.92 16.54 6.05
N SER A 166 4.14 16.39 7.13
CA SER A 166 4.65 16.70 8.46
C SER A 166 5.52 15.57 9.01
N THR A 167 5.23 14.33 8.64
CA THR A 167 6.02 13.20 9.16
C THR A 167 7.31 13.00 8.39
N SER A 168 7.35 13.37 7.11
CA SER A 168 8.55 13.17 6.31
C SER A 168 9.47 14.37 6.29
N PHE A 169 8.94 15.58 6.49
CA PHE A 169 9.76 16.79 6.43
C PHE A 169 9.44 17.83 7.48
N GLY A 170 8.36 17.69 8.24
CA GLY A 170 7.99 18.70 9.21
C GLY A 170 7.25 19.89 8.66
N VAL A 171 6.89 19.86 7.38
CA VAL A 171 6.13 20.96 6.75
C VAL A 171 4.69 20.86 7.23
N ASN A 172 4.23 21.91 7.90
CA ASN A 172 2.90 21.93 8.53
C ASN A 172 2.00 22.88 7.75
N ILE A 173 1.16 22.32 6.88
CA ILE A 173 0.25 23.10 6.03
C ILE A 173 -1.07 22.37 5.93
N ASP A 174 -2.17 23.13 5.97
CA ASP A 174 -3.50 22.60 5.68
C ASP A 174 -3.67 22.56 4.16
N SER A 175 -3.65 21.35 3.59
CA SER A 175 -3.61 21.23 2.14
C SER A 175 -4.93 21.62 1.49
N LEU A 176 -6.05 21.30 2.13
CA LEU A 176 -7.35 21.53 1.50
C LEU A 176 -7.64 23.02 1.35
N ASN A 177 -7.29 23.82 2.35
CA ASN A 177 -7.56 25.25 2.31
C ASN A 177 -6.39 26.06 1.78
N ASN A 178 -5.22 25.44 1.61
CA ASN A 178 -4.07 26.07 0.93
C ASN A 178 -3.91 25.37 -0.41
N PRO A 179 -4.57 25.86 -1.47
CA PRO A 179 -4.48 25.15 -2.77
C PRO A 179 -3.07 25.03 -3.29
N GLN A 180 -2.19 25.98 -3.00
CA GLN A 180 -0.84 25.89 -3.54
C GLN A 180 0.34 26.40 -2.72
N ASP A 181 0.78 25.60 -1.75
CA ASP A 181 1.95 25.94 -0.97
C ASP A 181 2.99 25.29 -1.86
N PRO A 182 4.08 25.99 -2.19
CA PRO A 182 5.02 25.33 -3.12
C PRO A 182 5.17 23.84 -2.89
N PHE A 183 5.23 23.42 -1.63
CA PHE A 183 5.45 22.02 -1.29
C PHE A 183 4.24 21.17 -1.69
N VAL A 184 3.02 21.64 -1.37
CA VAL A 184 1.82 20.86 -1.66
C VAL A 184 1.71 20.54 -3.14
N GLU A 185 1.89 21.56 -3.99
CA GLU A 185 1.69 21.37 -5.43
C GLU A 185 2.73 20.40 -6.00
N ASN A 186 4.01 20.61 -5.67
CA ASN A 186 5.05 19.72 -6.18
C ASN A 186 4.83 18.28 -5.73
N THR A 187 4.24 18.09 -4.54
CA THR A 187 3.83 16.75 -4.13
C THR A 187 2.58 16.27 -4.85
N LYS A 188 1.77 17.19 -5.38
CA LYS A 188 0.59 16.84 -6.16
C LYS A 188 0.91 16.66 -7.65
N LYS A 189 2.17 16.80 -8.05
CA LYS A 189 2.56 16.65 -9.45
C LYS A 189 2.81 15.18 -9.77
N LEU A 190 1.71 14.44 -9.83
CA LEU A 190 1.69 13.00 -10.07
C LEU A 190 0.25 12.55 -10.25
N LEU A 191 0.04 11.54 -11.10
CA LEU A 191 1.08 10.91 -11.91
C LEU A 191 0.48 10.58 -13.28
N ASP A 197 -0.43 2.49 -17.96
CA ASP A 197 -1.54 3.42 -17.87
C ASP A 197 -1.65 4.35 -19.08
N PRO A 198 -1.69 3.81 -20.31
CA PRO A 198 -1.51 2.42 -20.76
C PRO A 198 -0.03 2.12 -21.07
N PHE A 199 0.85 3.01 -20.61
CA PHE A 199 2.29 2.83 -20.80
C PHE A 199 2.83 1.68 -19.96
N PHE A 200 2.14 1.29 -18.89
CA PHE A 200 2.62 0.19 -18.05
C PHE A 200 2.49 -1.15 -18.75
N LEU A 201 1.40 -1.36 -19.50
CA LEU A 201 1.27 -2.58 -20.28
C LEU A 201 2.16 -2.56 -21.51
N SER A 202 2.42 -1.37 -22.06
CA SER A 202 3.41 -1.25 -23.13
C SER A 202 4.80 -1.65 -22.64
N ILE A 203 5.11 -1.37 -21.38
CA ILE A 203 6.40 -1.74 -20.82
C ILE A 203 6.49 -3.25 -20.64
N THR A 204 5.44 -3.87 -20.12
CA THR A 204 5.47 -5.31 -19.88
C THR A 204 5.55 -6.09 -21.18
N VAL A 205 5.06 -5.52 -22.28
CA VAL A 205 5.16 -6.17 -23.58
C VAL A 205 6.34 -5.65 -24.39
N PHE A 206 6.91 -4.50 -24.05
CA PHE A 206 8.15 -4.00 -24.64
C PHE A 206 9.18 -3.76 -23.53
N PRO A 207 9.66 -4.83 -22.88
CA PRO A 207 10.64 -4.63 -21.81
C PRO A 207 12.01 -4.22 -22.32
N PHE A 208 12.34 -4.56 -23.57
CA PHE A 208 13.61 -4.17 -24.17
C PHE A 208 13.70 -2.68 -24.47
N LEU A 209 12.58 -1.95 -24.45
CA LEU A 209 12.58 -0.52 -24.68
C LEU A 209 12.80 0.28 -23.41
N ILE A 210 12.91 -0.39 -22.25
CA ILE A 210 13.18 0.33 -21.00
C ILE A 210 14.55 0.98 -20.99
N PRO A 211 15.64 0.32 -21.38
CA PRO A 211 16.95 1.00 -21.41
C PRO A 211 17.00 2.19 -22.33
N ILE A 212 16.11 2.25 -23.34
CA ILE A 212 16.10 3.38 -24.25
C ILE A 212 15.58 4.63 -23.55
N LEU A 213 14.59 4.46 -22.67
CA LEU A 213 14.10 5.58 -21.89
C LEU A 213 15.14 6.09 -20.90
N GLU A 214 16.22 5.33 -20.67
CA GLU A 214 17.29 5.80 -19.80
C GLU A 214 18.29 6.63 -20.59
N VAL A 215 18.55 6.28 -21.85
CA VAL A 215 19.53 7.01 -22.64
C VAL A 215 18.92 8.28 -23.23
N LEU A 216 17.61 8.28 -23.49
CA LEU A 216 16.93 9.48 -23.93
C LEU A 216 16.70 10.48 -22.80
N ASN A 217 17.21 10.21 -21.61
CA ASN A 217 17.02 11.05 -20.43
C ASN A 217 15.53 11.33 -20.27
N ILE A 218 14.70 10.36 -20.63
CA ILE A 218 13.25 10.36 -20.26
C ILE A 218 13.14 9.81 -18.84
N CYS A 219 13.39 10.66 -17.83
CA CYS A 219 13.37 10.19 -16.46
C CYS A 219 11.89 10.20 -16.13
N VAL A 220 11.44 9.17 -15.41
CA VAL A 220 10.01 9.04 -15.15
C VAL A 220 9.51 10.18 -14.27
N PHE A 221 10.37 10.72 -13.42
CA PHE A 221 9.96 11.83 -12.57
C PHE A 221 10.41 13.14 -13.18
N PRO A 222 9.55 14.14 -13.23
CA PRO A 222 9.94 15.43 -13.81
C PRO A 222 11.17 15.99 -13.12
N ARG A 223 12.16 16.37 -13.93
CA ARG A 223 13.39 16.95 -13.41
C ARG A 223 13.13 18.22 -12.59
N GLU A 224 11.94 18.79 -12.72
CA GLU A 224 11.58 19.99 -11.96
C GLU A 224 11.21 19.64 -10.52
N VAL A 225 10.28 18.71 -10.33
CA VAL A 225 9.89 18.31 -8.98
C VAL A 225 11.03 17.57 -8.29
N THR A 226 11.77 16.76 -9.06
CA THR A 226 12.87 16.00 -8.49
C THR A 226 13.94 16.93 -7.93
N ASN A 227 14.37 17.93 -8.71
CA ASN A 227 15.32 18.92 -8.22
C ASN A 227 14.72 19.71 -7.07
N PHE A 228 13.40 19.95 -7.10
CA PHE A 228 12.74 20.65 -6.01
C PHE A 228 12.91 19.91 -4.69
N LEU A 229 12.43 18.66 -4.62
CA LEU A 229 12.59 17.88 -3.40
C LEU A 229 14.05 17.72 -3.02
N ARG A 230 14.92 17.53 -4.02
CA ARG A 230 16.35 17.44 -3.74
C ARG A 230 16.89 18.77 -3.23
N LYS A 231 16.38 19.90 -3.74
CA LYS A 231 16.82 21.18 -3.21
C LYS A 231 16.02 21.57 -1.97
N SER A 232 14.79 21.08 -1.83
CA SER A 232 14.03 21.34 -0.60
C SER A 232 14.63 20.57 0.57
N VAL A 233 15.10 19.35 0.34
CA VAL A 233 15.73 18.58 1.40
C VAL A 233 17.04 19.23 1.82
N LYS A 234 17.88 19.60 0.85
CA LYS A 234 19.16 20.23 1.19
C LYS A 234 18.95 21.59 1.84
N ARG A 235 17.83 22.26 1.54
CA ARG A 235 17.49 23.47 2.28
C ARG A 235 17.14 23.14 3.73
N MET A 236 16.43 22.04 3.95
CA MET A 236 16.09 21.63 5.31
C MET A 236 17.32 21.11 6.04
N LYS A 237 18.15 20.31 5.38
CA LYS A 237 19.36 19.80 6.02
C LYS A 237 20.31 20.92 6.40
N GLU A 238 20.28 22.03 5.66
CA GLU A 238 21.16 23.16 5.95
C GLU A 238 20.55 24.11 6.95
N SER A 239 19.23 24.31 6.90
CA SER A 239 18.56 25.17 7.87
C SER A 239 18.47 24.52 9.25
N ARG A 240 18.53 23.19 9.32
CA ARG A 240 18.53 22.48 10.60
C ARG A 240 19.92 22.20 11.13
N LEU A 241 20.95 22.39 10.31
CA LEU A 241 22.35 22.21 10.71
C LEU A 241 23.08 23.51 10.41
N GLU A 242 23.02 24.46 11.35
CA GLU A 242 22.31 24.27 12.60
C GLU A 242 21.51 25.51 12.98
N ASP A 243 20.18 25.35 13.08
CA ASP A 243 19.32 26.43 13.56
C ASP A 243 18.01 25.89 14.12
N THR A 244 18.05 25.33 15.33
CA THR A 244 19.27 25.16 16.09
C THR A 244 19.32 23.80 16.77
N HIS A 247 15.20 20.12 18.22
CA HIS A 247 14.60 18.80 18.35
C HIS A 247 13.41 18.64 17.40
N ARG A 248 13.53 17.69 16.47
CA ARG A 248 12.50 17.42 15.49
C ARG A 248 12.25 15.92 15.45
N VAL A 249 11.08 15.54 14.93
CA VAL A 249 10.60 14.17 15.06
C VAL A 249 10.02 13.67 13.74
N ASP A 250 10.55 14.17 12.63
CA ASP A 250 10.09 13.75 11.31
C ASP A 250 10.98 12.63 10.75
N PHE A 251 10.51 12.04 9.64
CA PHE A 251 11.29 10.98 9.00
C PHE A 251 12.63 11.49 8.49
N LEU A 252 12.70 12.75 8.08
CA LEU A 252 13.95 13.30 7.55
C LEU A 252 15.01 13.35 8.65
N GLN A 253 14.64 13.85 9.84
CA GLN A 253 15.60 13.94 10.93
C GLN A 253 16.06 12.57 11.40
N LEU A 254 15.14 11.59 11.41
CA LEU A 254 15.52 10.23 11.78
C LEU A 254 16.53 9.65 10.80
N MET A 255 16.48 10.08 9.54
CA MET A 255 17.46 9.66 8.56
C MET A 255 18.70 10.53 8.56
N ILE A 256 18.56 11.82 8.93
CA ILE A 256 19.73 12.67 9.07
C ILE A 256 20.57 12.23 10.27
N ASP A 257 19.92 11.87 11.37
CA ASP A 257 20.65 11.41 12.55
C ASP A 257 21.37 10.09 12.29
N SER A 258 20.78 9.22 11.46
CA SER A 258 21.41 7.95 11.12
C SER A 258 22.66 8.11 10.28
N GLN A 259 22.87 9.29 9.69
CA GLN A 259 24.07 9.55 8.91
C GLN A 259 25.27 9.96 9.77
N ASN A 260 25.11 9.99 11.09
CA ASN A 260 26.20 10.36 11.97
C ASN A 260 26.40 9.30 13.06
N HIS A 267 27.13 -1.29 8.55
CA HIS A 267 27.07 -0.84 7.17
C HIS A 267 27.70 0.54 7.01
N LYS A 268 27.30 1.24 5.94
CA LYS A 268 27.74 2.60 5.69
C LYS A 268 26.52 3.52 5.66
N ALA A 269 26.73 4.76 6.11
CA ALA A 269 25.63 5.70 6.25
C ALA A 269 25.00 6.04 4.90
N LEU A 270 23.77 6.52 4.94
CA LEU A 270 23.05 6.87 3.72
C LEU A 270 23.61 8.18 3.14
N SER A 271 23.56 8.26 1.81
CA SER A 271 24.00 9.47 1.13
C SER A 271 22.86 10.47 1.03
N ASP A 272 23.20 11.69 0.59
CA ASP A 272 22.20 12.74 0.48
C ASP A 272 21.18 12.41 -0.61
N LEU A 273 21.61 11.80 -1.70
CA LEU A 273 20.67 11.41 -2.74
C LEU A 273 19.85 10.19 -2.31
N GLU A 274 20.46 9.27 -1.57
CA GLU A 274 19.70 8.17 -0.98
C GLU A 274 18.65 8.69 0.00
N LEU A 275 18.94 9.81 0.68
CA LEU A 275 17.96 10.41 1.58
C LEU A 275 16.72 10.85 0.82
N VAL A 276 16.90 11.45 -0.36
CA VAL A 276 15.76 11.91 -1.15
C VAL A 276 14.97 10.73 -1.69
N ALA A 277 15.66 9.64 -2.05
CA ALA A 277 14.99 8.50 -2.64
C ALA A 277 13.99 7.87 -1.68
N GLN A 278 14.38 7.70 -0.42
CA GLN A 278 13.48 7.06 0.54
C GLN A 278 12.31 7.96 0.89
N SER A 279 12.54 9.27 0.98
CA SER A 279 11.44 10.19 1.28
C SER A 279 10.41 10.21 0.16
N ILE A 280 10.84 10.04 -1.09
CA ILE A 280 9.89 9.93 -2.19
C ILE A 280 9.08 8.64 -2.07
N ILE A 281 9.69 7.58 -1.55
CA ILE A 281 8.97 6.32 -1.35
C ILE A 281 7.82 6.53 -0.37
N PHE A 282 8.11 7.17 0.77
CA PHE A 282 7.10 7.33 1.81
C PHE A 282 5.95 8.21 1.33
N ILE A 283 6.23 9.17 0.46
CA ILE A 283 5.17 10.01 -0.11
C ILE A 283 4.25 9.16 -0.99
N PHE A 284 4.83 8.38 -1.89
CA PHE A 284 4.04 7.46 -2.71
C PHE A 284 3.36 6.40 -1.86
N ALA A 285 4.00 6.00 -0.75
CA ALA A 285 3.45 4.92 0.07
C ALA A 285 2.24 5.39 0.88
N GLY A 286 2.25 6.64 1.32
CA GLY A 286 1.21 7.12 2.21
C GLY A 286 0.01 7.73 1.52
N TYR A 287 0.22 8.40 0.39
CA TYR A 287 -0.86 9.13 -0.25
C TYR A 287 -1.88 8.18 -0.88
N GLU A 288 -1.41 7.24 -1.70
CA GLU A 288 -2.33 6.35 -2.42
C GLU A 288 -3.03 5.39 -1.47
N THR A 289 -2.28 4.79 -0.56
CA THR A 289 -2.83 3.71 0.27
C THR A 289 -3.80 4.24 1.31
N THR A 290 -3.31 5.10 2.21
CA THR A 290 -4.12 5.54 3.34
C THR A 290 -5.40 6.22 2.89
N SER A 291 -5.34 6.98 1.79
CA SER A 291 -6.55 7.63 1.29
C SER A 291 -7.52 6.61 0.73
N SER A 292 -7.03 5.58 0.04
CA SER A 292 -7.90 4.60 -0.57
C SER A 292 -8.49 3.64 0.48
N VAL A 293 -7.68 3.20 1.43
CA VAL A 293 -8.17 2.27 2.45
C VAL A 293 -9.20 2.95 3.34
N LEU A 294 -8.97 4.21 3.70
CA LEU A 294 -9.95 4.94 4.50
C LEU A 294 -11.28 5.08 3.76
N SER A 295 -11.23 5.26 2.44
CA SER A 295 -12.46 5.30 1.66
C SER A 295 -13.16 3.95 1.64
N PHE A 296 -12.38 2.86 1.59
CA PHE A 296 -12.97 1.53 1.66
C PHE A 296 -13.60 1.27 3.01
N ILE A 297 -12.97 1.74 4.09
CA ILE A 297 -13.50 1.52 5.42
C ILE A 297 -14.82 2.27 5.60
N MET A 298 -14.87 3.54 5.18
CA MET A 298 -16.08 4.32 5.36
C MET A 298 -17.22 3.83 4.50
N TYR A 299 -16.91 3.22 3.35
CA TYR A 299 -17.96 2.58 2.55
C TYR A 299 -18.57 1.42 3.31
N GLU A 300 -17.74 0.56 3.90
CA GLU A 300 -18.24 -0.58 4.64
C GLU A 300 -18.97 -0.13 5.91
N LEU A 301 -18.48 0.93 6.55
CA LEU A 301 -19.15 1.44 7.74
C LEU A 301 -20.51 2.04 7.40
N ALA A 302 -20.62 2.67 6.22
CA ALA A 302 -21.89 3.26 5.83
C ALA A 302 -22.90 2.20 5.38
N THR A 303 -22.45 1.20 4.62
CA THR A 303 -23.34 0.14 4.17
C THR A 303 -23.58 -0.92 5.25
N HIS A 304 -22.94 -0.79 6.41
CA HIS A 304 -23.20 -1.64 7.57
C HIS A 304 -23.31 -0.74 8.79
N PRO A 305 -24.47 -0.11 9.00
CA PRO A 305 -24.61 0.82 10.13
C PRO A 305 -24.46 0.15 11.49
N ASP A 306 -24.74 -1.15 11.58
CA ASP A 306 -24.55 -1.86 12.84
C ASP A 306 -23.08 -1.89 13.24
N VAL A 307 -22.19 -2.08 12.26
CA VAL A 307 -20.76 -2.07 12.54
C VAL A 307 -20.29 -0.68 12.91
N GLN A 308 -20.83 0.35 12.23
CA GLN A 308 -20.43 1.72 12.51
C GLN A 308 -20.82 2.14 13.92
N GLN A 309 -21.99 1.72 14.38
CA GLN A 309 -22.43 2.09 15.72
C GLN A 309 -21.60 1.40 16.79
N LYS A 310 -21.33 0.10 16.62
CA LYS A 310 -20.54 -0.63 17.61
C LYS A 310 -19.13 -0.07 17.70
N LEU A 311 -18.57 0.42 16.60
CA LEU A 311 -17.26 1.05 16.64
C LEU A 311 -17.31 2.40 17.35
N GLN A 312 -18.36 3.18 17.10
CA GLN A 312 -18.51 4.46 17.78
C GLN A 312 -18.78 4.25 19.27
N GLU A 313 -19.50 3.20 19.64
CA GLU A 313 -19.72 2.91 21.05
C GLU A 313 -18.42 2.51 21.74
N GLU A 314 -17.55 1.79 21.05
CA GLU A 314 -16.26 1.43 21.62
C GLU A 314 -15.35 2.64 21.74
N ILE A 315 -15.33 3.51 20.72
CA ILE A 315 -14.49 4.70 20.77
C ILE A 315 -14.93 5.63 21.89
N ASP A 316 -16.24 5.77 22.10
CA ASP A 316 -16.74 6.60 23.18
C ASP A 316 -16.42 6.03 24.56
N ALA A 317 -16.18 4.72 24.65
CA ALA A 317 -15.90 4.10 25.94
C ALA A 317 -14.47 4.37 26.39
N VAL A 318 -13.50 4.03 25.55
CA VAL A 318 -12.09 4.25 25.91
C VAL A 318 -11.77 5.74 25.93
N LEU A 319 -12.37 6.51 25.02
CA LEU A 319 -12.17 7.96 24.95
C LEU A 319 -13.46 8.65 25.39
N PRO A 320 -13.61 8.98 26.67
CA PRO A 320 -14.85 9.63 27.12
C PRO A 320 -14.95 11.06 26.61
N ASN A 321 -16.20 11.47 26.36
CA ASN A 321 -16.54 12.81 25.89
C ASN A 321 -15.59 13.30 24.80
N LYS A 322 -15.34 12.42 23.83
CA LYS A 322 -14.47 12.73 22.68
C LYS A 322 -13.08 13.14 23.14
N ALA A 323 -12.48 12.31 23.98
CA ALA A 323 -11.12 12.56 24.44
C ALA A 323 -10.14 12.42 23.28
N PRO A 324 -9.02 13.14 23.31
CA PRO A 324 -8.05 13.04 22.22
C PRO A 324 -7.42 11.65 22.18
N PRO A 325 -7.41 11.01 21.01
CA PRO A 325 -6.80 9.68 20.91
C PRO A 325 -5.28 9.75 21.03
N THR A 326 -4.74 8.81 21.79
CA THR A 326 -3.31 8.71 22.01
C THR A 326 -2.81 7.37 21.49
N TYR A 327 -1.48 7.20 21.51
CA TYR A 327 -0.88 5.96 21.00
C TYR A 327 -1.37 4.75 21.77
N ASP A 328 -1.45 4.85 23.11
CA ASP A 328 -1.86 3.71 23.91
C ASP A 328 -3.36 3.44 23.80
N THR A 329 -4.18 4.49 23.63
CA THR A 329 -5.62 4.29 23.52
C THR A 329 -6.01 3.71 22.17
N VAL A 330 -5.20 3.95 21.13
CA VAL A 330 -5.51 3.39 19.81
C VAL A 330 -5.31 1.88 19.82
N LEU A 331 -4.18 1.42 20.35
CA LEU A 331 -3.89 -0.02 20.38
C LEU A 331 -4.78 -0.78 21.35
N GLN A 332 -5.61 -0.08 22.14
CA GLN A 332 -6.54 -0.74 23.05
C GLN A 332 -7.85 -1.10 22.38
N MET A 333 -8.24 -0.35 21.35
CA MET A 333 -9.52 -0.59 20.67
C MET A 333 -9.45 -1.85 19.84
N GLU A 334 -10.22 -2.86 20.22
CA GLU A 334 -10.19 -4.14 19.51
C GLU A 334 -11.11 -4.13 18.29
N TYR A 335 -12.33 -3.62 18.45
CA TYR A 335 -13.26 -3.59 17.32
C TYR A 335 -12.77 -2.68 16.22
N LEU A 336 -12.02 -1.63 16.57
CA LEU A 336 -11.39 -0.79 15.54
C LEU A 336 -10.36 -1.58 14.76
N ASP A 337 -9.54 -2.39 15.45
CA ASP A 337 -8.57 -3.22 14.74
C ASP A 337 -9.26 -4.31 13.93
N MET A 338 -10.43 -4.77 14.38
CA MET A 338 -11.17 -5.79 13.63
C MET A 338 -11.76 -5.21 12.35
N VAL A 339 -12.20 -3.94 12.39
CA VAL A 339 -12.76 -3.31 11.21
C VAL A 339 -11.67 -3.03 10.17
N VAL A 340 -10.49 -2.59 10.63
CA VAL A 340 -9.40 -2.32 9.71
C VAL A 340 -8.92 -3.60 9.04
N ASN A 341 -8.81 -4.69 9.80
CA ASN A 341 -8.32 -5.94 9.24
C ASN A 341 -9.31 -6.55 8.25
N GLU A 342 -10.61 -6.50 8.56
CA GLU A 342 -11.60 -7.06 7.66
C GLU A 342 -11.69 -6.26 6.36
N THR A 343 -11.52 -4.93 6.44
CA THR A 343 -11.50 -4.13 5.23
C THR A 343 -10.27 -4.42 4.38
N LEU A 344 -9.11 -4.58 5.03
CA LEU A 344 -7.90 -4.93 4.31
C LEU A 344 -7.97 -6.33 3.71
N ARG A 345 -8.84 -7.20 4.23
CA ARG A 345 -9.07 -8.49 3.59
C ARG A 345 -9.79 -8.32 2.26
N LEU A 346 -10.93 -7.62 2.28
CA LEU A 346 -11.68 -7.42 1.05
C LEU A 346 -10.93 -6.54 0.06
N PHE A 347 -10.08 -5.65 0.55
CA PHE A 347 -9.37 -4.69 -0.30
C PHE A 347 -7.90 -4.62 0.08
N PRO A 348 -7.10 -5.64 -0.30
CA PRO A 348 -5.65 -5.53 -0.14
C PRO A 348 -5.04 -4.71 -1.27
N ILE A 349 -4.71 -3.45 -0.98
CA ILE A 349 -4.39 -2.48 -2.02
C ILE A 349 -3.20 -2.92 -2.86
N ALA A 350 -2.30 -3.73 -2.29
CA ALA A 350 -1.16 -4.23 -3.06
C ALA A 350 -1.59 -5.30 -4.06
N MET A 351 -2.67 -6.05 -3.75
CA MET A 351 -3.24 -7.04 -4.65
C MET A 351 -2.32 -8.25 -4.80
N ARG A 352 -1.07 -8.03 -5.18
CA ARG A 352 -0.14 -9.11 -5.44
C ARG A 352 1.14 -8.94 -4.64
N LEU A 353 1.76 -10.07 -4.29
CA LEU A 353 3.10 -10.12 -3.74
C LEU A 353 4.00 -10.83 -4.73
N GLU A 354 5.18 -10.27 -4.98
CA GLU A 354 6.05 -10.77 -6.04
C GLU A 354 7.49 -10.89 -5.55
N ARG A 355 8.14 -11.97 -5.99
CA ARG A 355 9.55 -12.21 -5.72
C ARG A 355 10.18 -12.82 -6.97
N VAL A 356 11.42 -12.42 -7.26
CA VAL A 356 12.15 -12.96 -8.40
C VAL A 356 13.01 -14.12 -7.92
N CYS A 357 12.94 -15.25 -8.64
CA CYS A 357 13.74 -16.42 -8.32
C CYS A 357 15.16 -16.20 -8.81
N LYS A 358 16.11 -16.06 -7.88
CA LYS A 358 17.48 -15.72 -8.26
C LYS A 358 18.21 -16.91 -8.88
N LYS A 359 17.91 -18.12 -8.46
CA LYS A 359 18.61 -19.29 -8.96
C LYS A 359 17.69 -20.50 -8.93
N ASP A 360 18.11 -21.55 -9.62
CA ASP A 360 17.34 -22.79 -9.65
C ASP A 360 17.20 -23.36 -8.24
N VAL A 361 15.96 -23.54 -7.80
CA VAL A 361 15.68 -24.00 -6.45
C VAL A 361 14.55 -25.02 -6.49
N GLU A 362 14.46 -25.82 -5.43
CA GLU A 362 13.43 -26.84 -5.28
C GLU A 362 12.74 -26.59 -3.95
N ILE A 363 11.53 -26.02 -4.00
CA ILE A 363 10.79 -25.63 -2.82
C ILE A 363 9.54 -26.49 -2.71
N ASN A 364 9.46 -27.29 -1.64
CA ASN A 364 8.27 -28.06 -1.29
C ASN A 364 7.82 -28.97 -2.44
N GLY A 365 8.76 -29.49 -3.21
CA GLY A 365 8.44 -30.44 -4.26
C GLY A 365 8.21 -29.84 -5.63
N MET A 366 8.84 -28.71 -5.94
CA MET A 366 8.63 -28.04 -7.21
C MET A 366 9.95 -27.45 -7.68
N PHE A 367 10.24 -27.63 -8.96
CA PHE A 367 11.44 -27.05 -9.57
C PHE A 367 11.10 -25.65 -10.07
N ILE A 368 11.72 -24.64 -9.46
CA ILE A 368 11.52 -23.25 -9.86
C ILE A 368 12.75 -22.79 -10.63
N PRO A 369 12.68 -22.68 -11.95
CA PRO A 369 13.86 -22.27 -12.71
C PRO A 369 14.19 -20.81 -12.50
N LYS A 370 15.43 -20.45 -12.82
CA LYS A 370 15.90 -19.09 -12.64
C LYS A 370 15.17 -18.12 -13.56
N GLY A 371 14.85 -16.94 -13.03
CA GLY A 371 14.21 -15.90 -13.79
C GLY A 371 12.70 -15.84 -13.67
N VAL A 372 12.07 -16.86 -13.09
CA VAL A 372 10.62 -16.90 -12.97
C VAL A 372 10.18 -16.01 -11.82
N VAL A 373 9.12 -15.24 -12.04
CA VAL A 373 8.54 -14.37 -11.02
C VAL A 373 7.49 -15.17 -10.27
N VAL A 374 7.71 -15.37 -8.96
CA VAL A 374 6.74 -16.05 -8.11
C VAL A 374 5.78 -15.01 -7.56
N MET A 375 4.48 -15.25 -7.74
CA MET A 375 3.45 -14.29 -7.39
C MET A 375 2.49 -14.88 -6.38
N ILE A 376 2.15 -14.10 -5.37
CA ILE A 376 1.19 -14.49 -4.35
C ILE A 376 -0.12 -13.74 -4.63
N PRO A 377 -1.16 -14.39 -5.15
CA PRO A 377 -2.42 -13.67 -5.39
C PRO A 377 -3.13 -13.32 -4.09
N SER A 378 -2.69 -12.23 -3.45
CA SER A 378 -3.24 -11.87 -2.14
C SER A 378 -4.74 -11.58 -2.22
N TYR A 379 -5.18 -10.89 -3.26
CA TYR A 379 -6.60 -10.59 -3.41
C TYR A 379 -7.41 -11.88 -3.55
N ALA A 380 -6.97 -12.80 -4.40
CA ALA A 380 -7.71 -14.04 -4.60
C ALA A 380 -7.68 -14.92 -3.36
N LEU A 381 -6.59 -14.87 -2.58
CA LEU A 381 -6.53 -15.67 -1.36
C LEU A 381 -7.44 -15.12 -0.28
N HIS A 382 -7.58 -13.80 -0.21
CA HIS A 382 -8.46 -13.17 0.77
C HIS A 382 -9.93 -13.43 0.50
N ARG A 383 -10.28 -13.92 -0.70
CA ARG A 383 -11.66 -14.19 -1.07
C ARG A 383 -11.86 -15.65 -1.49
N ASP A 384 -10.90 -16.51 -1.16
CA ASP A 384 -11.02 -17.93 -1.49
C ASP A 384 -12.01 -18.59 -0.53
N PRO A 385 -13.09 -19.21 -1.02
CA PRO A 385 -14.05 -19.85 -0.11
C PRO A 385 -13.48 -21.00 0.69
N LYS A 386 -12.25 -21.45 0.40
CA LYS A 386 -11.68 -22.55 1.16
C LYS A 386 -11.22 -22.09 2.55
N TYR A 387 -10.85 -20.82 2.70
CA TYR A 387 -10.39 -20.29 3.98
C TYR A 387 -11.35 -19.28 4.60
N TRP A 388 -12.30 -18.75 3.84
CA TRP A 388 -13.19 -17.70 4.32
C TRP A 388 -14.64 -18.09 4.05
N THR A 389 -15.47 -18.04 5.09
CA THR A 389 -16.89 -18.31 4.95
C THR A 389 -17.59 -17.06 4.45
N GLU A 390 -18.27 -17.18 3.29
CA GLU A 390 -18.93 -16.06 2.63
C GLU A 390 -17.93 -14.94 2.41
N PRO A 391 -17.01 -15.07 1.45
CA PRO A 391 -15.91 -14.10 1.34
C PRO A 391 -16.36 -12.72 0.92
N GLU A 392 -17.44 -12.59 0.16
CA GLU A 392 -17.84 -11.31 -0.40
C GLU A 392 -18.49 -10.38 0.61
N LYS A 393 -18.80 -10.85 1.81
CA LYS A 393 -19.48 -10.05 2.82
C LYS A 393 -18.49 -9.45 3.81
N PHE A 394 -18.79 -8.23 4.25
CA PHE A 394 -17.96 -7.52 5.22
C PHE A 394 -18.39 -7.96 6.63
N LEU A 395 -17.58 -8.82 7.24
CA LEU A 395 -17.88 -9.37 8.56
C LEU A 395 -16.66 -9.19 9.45
N PRO A 396 -16.64 -8.15 10.31
CA PRO A 396 -15.46 -7.92 11.16
C PRO A 396 -15.25 -8.99 12.21
N GLU A 397 -16.24 -9.83 12.49
CA GLU A 397 -16.10 -10.84 13.54
C GLU A 397 -15.12 -11.95 13.18
N ARG A 398 -14.59 -11.97 11.95
CA ARG A 398 -13.57 -12.95 11.59
C ARG A 398 -12.29 -12.72 12.38
N PHE A 399 -12.04 -11.49 12.82
CA PHE A 399 -10.78 -11.13 13.47
C PHE A 399 -10.95 -10.90 14.97
N SER A 400 -12.05 -11.36 15.55
CA SER A 400 -12.17 -11.34 17.00
C SER A 400 -11.17 -12.31 17.62
N LYS A 401 -10.85 -12.09 18.89
CA LYS A 401 -9.86 -12.93 19.57
C LYS A 401 -10.25 -14.40 19.55
N LYS A 402 -11.54 -14.69 19.45
CA LYS A 402 -11.99 -16.08 19.37
C LYS A 402 -11.62 -16.71 18.03
N ASN A 403 -11.80 -15.97 16.93
CA ASN A 403 -11.55 -16.49 15.60
C ASN A 403 -10.22 -16.04 15.01
N LYS A 404 -9.50 -15.15 15.68
CA LYS A 404 -8.24 -14.63 15.13
C LYS A 404 -7.19 -15.71 15.01
N ASP A 405 -7.25 -16.74 15.87
CA ASP A 405 -6.21 -17.76 15.89
C ASP A 405 -6.22 -18.61 14.62
N ASN A 406 -7.41 -18.87 14.07
CA ASN A 406 -7.55 -19.79 12.95
C ASN A 406 -7.42 -19.11 11.60
N ILE A 407 -6.76 -17.96 11.54
CA ILE A 407 -6.45 -17.30 10.28
C ILE A 407 -4.99 -17.60 9.94
N ASP A 408 -4.76 -18.17 8.78
CA ASP A 408 -3.41 -18.49 8.34
C ASP A 408 -2.70 -17.20 7.96
N PRO A 409 -1.59 -16.84 8.63
CA PRO A 409 -0.91 -15.58 8.30
C PRO A 409 -0.28 -15.55 6.92
N TYR A 410 -0.34 -16.63 6.15
CA TYR A 410 0.16 -16.66 4.79
C TYR A 410 -0.94 -16.72 3.74
N ILE A 411 -2.19 -16.86 4.15
CA ILE A 411 -3.33 -16.59 3.28
C ILE A 411 -3.74 -15.13 3.36
N TYR A 412 -3.79 -14.58 4.57
CA TYR A 412 -4.12 -13.19 4.81
C TYR A 412 -2.80 -12.42 4.95
N THR A 413 -2.36 -11.82 3.85
CA THR A 413 -1.10 -11.08 3.80
C THR A 413 -1.35 -9.67 3.26
N PRO A 414 -2.02 -8.81 4.02
CA PRO A 414 -2.26 -7.44 3.54
C PRO A 414 -1.00 -6.61 3.49
N PHE A 415 -0.02 -6.88 4.37
CA PHE A 415 1.25 -6.17 4.40
C PHE A 415 2.41 -7.07 3.98
N GLY A 416 2.13 -8.15 3.26
CA GLY A 416 3.18 -9.07 2.90
C GLY A 416 3.63 -9.90 4.09
N SER A 417 4.81 -10.48 3.95
CA SER A 417 5.41 -11.29 5.01
C SER A 417 6.89 -11.45 4.74
N GLY A 418 7.62 -11.85 5.77
CA GLY A 418 9.04 -12.09 5.66
C GLY A 418 9.85 -10.83 5.84
N PRO A 419 11.17 -10.93 5.59
CA PRO A 419 12.04 -9.77 5.80
C PRO A 419 11.72 -8.57 4.92
N ARG A 420 11.03 -8.77 3.78
CA ARG A 420 10.71 -7.68 2.87
C ARG A 420 9.21 -7.38 2.88
N ASN A 421 8.58 -7.46 4.05
CA ASN A 421 7.19 -7.08 4.20
C ASN A 421 7.10 -5.56 4.26
N CYS A 422 5.89 -5.04 4.51
CA CYS A 422 5.69 -3.60 4.60
C CYS A 422 6.38 -3.06 5.85
N ILE A 423 7.42 -2.24 5.66
CA ILE A 423 8.13 -1.67 6.80
C ILE A 423 7.31 -0.58 7.49
N GLY A 424 6.30 -0.06 6.82
CA GLY A 424 5.47 0.98 7.40
C GLY A 424 4.10 0.49 7.81
N MET A 425 4.01 -0.80 8.15
CA MET A 425 2.72 -1.36 8.55
C MET A 425 2.21 -0.71 9.83
N ARG A 426 3.07 -0.62 10.85
CA ARG A 426 2.67 0.02 12.10
C ARG A 426 2.29 1.48 11.89
N PHE A 427 3.06 2.19 11.05
CA PHE A 427 2.75 3.59 10.79
C PHE A 427 1.42 3.74 10.05
N ALA A 428 1.17 2.89 9.06
CA ALA A 428 -0.07 2.99 8.29
C ALA A 428 -1.27 2.61 9.16
N LEU A 429 -1.14 1.59 9.99
CA LEU A 429 -2.24 1.21 10.87
C LEU A 429 -2.53 2.30 11.89
N MET A 430 -1.48 2.90 12.46
CA MET A 430 -1.69 3.98 13.43
C MET A 430 -2.24 5.23 12.75
N ASN A 431 -1.82 5.50 11.53
CA ASN A 431 -2.28 6.70 10.83
C ASN A 431 -3.75 6.61 10.47
N MET A 432 -4.19 5.46 9.95
CA MET A 432 -5.59 5.30 9.55
C MET A 432 -6.50 5.25 10.77
N LYS A 433 -6.07 4.60 11.84
CA LYS A 433 -6.91 4.50 13.03
C LYS A 433 -7.08 5.87 13.71
N LEU A 434 -6.02 6.67 13.76
CA LEU A 434 -6.12 8.01 14.31
C LEU A 434 -7.10 8.87 13.51
N ALA A 435 -7.21 8.61 12.21
CA ALA A 435 -8.19 9.33 11.39
C ALA A 435 -9.59 8.80 11.60
N LEU A 436 -9.75 7.47 11.69
CA LEU A 436 -11.07 6.89 11.90
C LEU A 436 -11.67 7.31 13.23
N ILE A 437 -10.84 7.39 14.27
CA ILE A 437 -11.34 7.72 15.60
C ILE A 437 -11.90 9.14 15.63
N ARG A 438 -11.08 10.12 15.24
CA ARG A 438 -11.51 11.51 15.29
C ARG A 438 -12.69 11.78 14.36
N VAL A 439 -12.77 11.06 13.24
CA VAL A 439 -13.87 11.27 12.31
C VAL A 439 -15.17 10.65 12.86
N LEU A 440 -15.06 9.46 13.44
CA LEU A 440 -16.24 8.78 13.98
C LEU A 440 -16.70 9.38 15.30
N GLN A 441 -15.83 10.10 16.01
CA GLN A 441 -16.25 10.79 17.22
C GLN A 441 -17.20 11.93 16.94
N ASN A 442 -17.17 12.50 15.74
CA ASN A 442 -17.95 13.69 15.42
C ASN A 442 -19.03 13.45 14.37
N PHE A 443 -18.87 12.47 13.50
CA PHE A 443 -19.77 12.32 12.35
C PHE A 443 -20.28 10.89 12.24
N SER A 444 -21.42 10.76 11.57
CA SER A 444 -21.97 9.48 11.16
C SER A 444 -22.12 9.48 9.64
N PHE A 445 -22.06 8.29 9.04
CA PHE A 445 -21.99 8.16 7.59
C PHE A 445 -23.06 7.21 7.10
N LYS A 446 -23.89 7.70 6.17
CA LYS A 446 -24.97 6.94 5.57
C LYS A 446 -24.87 7.01 4.05
N PRO A 447 -25.34 5.98 3.35
CA PRO A 447 -25.27 5.99 1.89
C PRO A 447 -26.26 6.99 1.30
N CYS A 448 -25.80 7.74 0.30
CA CYS A 448 -26.64 8.65 -0.46
C CYS A 448 -27.05 7.98 -1.77
N LYS A 449 -27.73 8.75 -2.63
CA LYS A 449 -28.21 8.19 -3.89
C LYS A 449 -27.12 8.13 -4.96
N GLU A 450 -26.07 8.95 -4.83
CA GLU A 450 -24.93 8.86 -5.74
C GLU A 450 -23.97 7.76 -5.36
N THR A 451 -24.18 7.08 -4.23
CA THR A 451 -23.27 6.04 -3.77
C THR A 451 -23.37 4.81 -4.66
N GLN A 452 -22.23 4.28 -5.06
CA GLN A 452 -22.17 3.07 -5.88
C GLN A 452 -22.36 1.86 -4.97
N ILE A 453 -23.55 1.27 -5.00
CA ILE A 453 -23.87 0.09 -4.20
C ILE A 453 -24.38 -0.98 -5.12
N PRO A 454 -23.71 -2.14 -5.22
CA PRO A 454 -22.50 -2.46 -4.47
C PRO A 454 -21.25 -1.84 -5.08
N LEU A 455 -20.19 -1.72 -4.28
CA LEU A 455 -18.97 -1.09 -4.75
C LEU A 455 -18.30 -1.95 -5.81
N LYS A 456 -17.90 -1.33 -6.91
CA LYS A 456 -17.15 -1.99 -7.97
C LYS A 456 -15.71 -1.52 -7.94
N LEU A 457 -14.79 -2.46 -8.19
CA LEU A 457 -13.37 -2.13 -8.22
C LEU A 457 -12.99 -1.55 -9.58
N SER A 458 -11.92 -0.76 -9.58
CA SER A 458 -11.46 -0.13 -10.81
C SER A 458 -10.99 -1.18 -11.81
N LEU A 459 -11.32 -0.95 -13.08
CA LEU A 459 -10.93 -1.88 -14.13
C LEU A 459 -9.44 -1.82 -14.45
N GLY A 460 -8.75 -0.78 -13.99
CA GLY A 460 -7.33 -0.60 -14.27
C GLY A 460 -6.44 -1.48 -13.41
N GLY A 461 -5.21 -1.02 -13.22
CA GLY A 461 -4.23 -1.77 -12.46
C GLY A 461 -3.97 -1.22 -11.07
N LEU A 462 -5.01 -0.69 -10.43
CA LEU A 462 -4.92 -0.18 -9.07
C LEU A 462 -6.19 -0.55 -8.32
N LEU A 463 -6.02 -0.93 -7.06
CA LEU A 463 -7.16 -1.31 -6.23
C LEU A 463 -7.78 -0.04 -5.65
N GLN A 464 -8.74 0.50 -6.38
CA GLN A 464 -9.47 1.70 -5.97
C GLN A 464 -10.91 1.56 -6.43
N PRO A 465 -11.84 2.25 -5.79
CA PRO A 465 -13.24 2.16 -6.23
C PRO A 465 -13.41 2.67 -7.64
N GLU A 466 -14.28 1.99 -8.41
CA GLU A 466 -14.56 2.43 -9.78
C GLU A 466 -15.14 3.83 -9.78
N LYS A 467 -16.18 4.06 -9.00
CA LYS A 467 -16.68 5.40 -8.75
C LYS A 467 -16.18 5.91 -7.41
N PRO A 468 -15.88 7.21 -7.29
CA PRO A 468 -15.45 7.74 -6.00
C PRO A 468 -16.55 7.59 -4.95
N VAL A 469 -16.14 7.20 -3.75
CA VAL A 469 -17.10 6.92 -2.68
C VAL A 469 -17.72 8.23 -2.20
N VAL A 470 -19.03 8.35 -2.36
CA VAL A 470 -19.79 9.51 -1.91
C VAL A 470 -20.80 9.02 -0.87
N LEU A 471 -20.86 9.72 0.27
CA LEU A 471 -21.72 9.33 1.37
C LEU A 471 -22.31 10.56 2.03
N LYS A 472 -23.34 10.34 2.84
CA LYS A 472 -23.91 11.38 3.66
C LYS A 472 -23.11 11.52 4.95
N VAL A 473 -22.91 12.76 5.39
CA VAL A 473 -22.14 13.06 6.60
C VAL A 473 -23.00 13.91 7.51
N GLU A 474 -23.39 13.37 8.65
CA GLU A 474 -24.16 14.09 9.66
C GLU A 474 -23.24 14.47 10.81
N SER A 475 -23.72 15.38 11.65
CA SER A 475 -22.99 15.86 12.81
C SER A 475 -23.60 15.28 14.08
N ARG A 476 -22.75 14.78 14.97
CA ARG A 476 -23.20 14.21 16.23
C ARG A 476 -23.33 15.28 17.31
CHA HEM B . 5.91 -2.88 0.94
CHB HEM B . 1.19 -2.93 2.10
CHC HEM B . 1.57 1.66 3.62
CHD HEM B . 6.39 1.40 3.17
C1A HEM B . 4.59 -3.29 1.09
C2A HEM B . 4.04 -4.56 0.67
C3A HEM B . 2.75 -4.58 0.99
C4A HEM B . 2.42 -3.31 1.62
CMA HEM B . 1.77 -5.74 0.73
CAA HEM B . 4.84 -5.70 -0.02
CBA HEM B . 5.23 -6.74 1.00
CGA HEM B . 5.87 -7.92 0.29
O1A HEM B . 6.00 -9.00 0.92
O2A HEM B . 6.22 -7.78 -0.90
C1B HEM B . 0.85 -1.69 2.61
C2B HEM B . -0.45 -1.25 3.04
C3B HEM B . -0.36 0.03 3.46
C4B HEM B . 1.04 0.43 3.30
CMB HEM B . -1.71 -2.16 2.99
CAB HEM B . -1.44 0.99 4.02
CBB HEM B . -2.72 0.67 4.21
C1C HEM B . 2.91 1.98 3.69
C2C HEM B . 3.48 3.18 4.26
C3C HEM B . 4.82 3.11 4.14
C4C HEM B . 5.13 1.86 3.49
CMC HEM B . 2.62 4.30 4.89
CAC HEM B . 5.92 4.12 4.57
CBC HEM B . 5.70 5.32 5.11
C1D HEM B . 6.69 0.24 2.48
C2D HEM B . 7.99 -0.16 1.99
C3D HEM B . 7.86 -1.33 1.37
C4D HEM B . 6.46 -1.73 1.46
CMD HEM B . 9.30 0.65 2.15
CAD HEM B . 8.99 -2.15 0.70
CBD HEM B . 9.81 -2.83 1.79
CGD HEM B . 11.05 -3.44 1.18
O1D HEM B . 11.96 -3.84 1.95
O2D HEM B . 11.14 -3.51 -0.07
NA HEM B . 3.57 -2.55 1.67
NB HEM B . 1.74 -0.64 2.78
NC HEM B . 3.95 1.19 3.23
ND HEM B . 5.78 -0.74 2.14
FE HEM B . 3.78 -0.73 2.56
C01 X2B C . 7.60 1.73 -6.88
C02 X2B C . 6.78 4.41 -6.73
C03 X2B C . 7.31 2.45 -8.09
C04 X2B C . 7.51 2.36 -5.65
C05 X2B C . 7.08 3.70 -5.54
C06 X2B C . 6.88 3.81 -8.02
C08 X2B C . 6.59 4.44 -9.35
C09 X2B C . 6.09 5.51 -11.86
C11 X2B C . 6.16 5.78 -9.50
C12 X2B C . 5.89 6.34 -10.76
C13 X2B C . 6.51 4.18 -11.65
C15 X2B C . 7.20 -0.31 -9.34
C16 X2B C . 6.97 -3.17 -8.64
C17 X2B C . 5.97 -0.95 -9.01
C18 X2B C . 8.28 -1.22 -9.40
C19 X2B C . 8.20 -2.59 -9.03
C20 X2B C . 5.86 -2.32 -8.63
C21 X2B C . 9.48 -0.51 -9.83
C22 X2B C . 11.55 1.11 -10.65
C24 X2B C . 10.76 -1.06 -9.94
C25 X2B C . 11.83 -0.24 -10.36
C26 X2B C . 10.24 1.55 -10.50
C27 X2B C . 6.51 -0.95 -14.11
C28 X2B C . 8.08 0.11 -12.57
C29 X2B C . 5.82 0.32 -12.13
C30 X2B C . 5.50 -0.44 -13.28
C31 X2B C . 7.82 -0.65 -13.72
C32 X2B C . 4.78 0.87 -11.22
C33 X2B C . 3.05 2.02 -9.38
C35 X2B C . 3.38 0.73 -11.36
C36 X2B C . 2.48 1.30 -10.43
C37 X2B C . 4.45 2.09 -9.30
C38 X2B C . 6.66 3.46 -12.85
C39 X2B C . 6.43 3.95 -14.14
C40 X2B C . 6.00 5.28 -14.32
C41 X2B C . 5.82 6.04 -13.16
C42 X2B C . 9.98 2.90 -10.79
C43 X2B C . 10.93 3.83 -11.22
C44 X2B C . 12.24 3.35 -11.35
C45 X2B C . 12.56 2.01 -11.08
C46 X2B C . 2.19 2.65 -8.26
C48 X2B C . 2.60 2.10 -5.73
C49 X2B C . 2.67 1.30 -4.42
C50 X2B C . 2.19 1.97 -3.12
C53 X2B C . 5.16 0.40 -3.97
C54 X2B C . 5.39 -1.08 -3.86
C56 X2B C . 2.73 1.33 -1.81
C57 X2B C . 4.36 1.08 -0.07
C59 X2B C . 2.42 -0.20 0.03
C60 X2B C . 1.96 0.37 -1.15
C61 X2B C . 3.96 1.68 -1.27
C62 X2B C . 6.61 -1.58 -3.44
C63 X2B C . 4.32 -1.88 -4.18
C64 X2B C . 4.52 -3.27 -4.07
C65 X2B C . 5.75 -3.78 -3.66
C66 X2B C . 6.81 -2.93 -3.33
N10 X2B C . 6.68 3.62 -10.41
N14 X2B C . 7.10 0.62 -11.78
N23 X2B C . 9.21 0.76 -10.12
N34 X2B C . 5.32 1.60 -10.22
N47 X2B C . 2.12 1.74 -7.09
N52 X2B C . 4.10 1.39 -4.18
N58 X2B C . 3.62 0.13 0.54
O51 X2B C . 3.04 3.21 -5.62
O55 X2B C . 6.23 0.87 -3.76
IR07 X2B C . 7.39 1.70 -10.01
#